data_6NFU
#
_entry.id   6NFU
#
_cell.length_a   155.086
_cell.length_b   155.086
_cell.length_c   75.794
_cell.angle_alpha   90.000
_cell.angle_beta   90.000
_cell.angle_gamma   90.000
#
_symmetry.space_group_name_H-M   'I 4'
#
loop_
_entity.id
_entity.type
_entity.pdbx_description
1 polymer 'antibody fragment heavy chain'
2 polymer 'antibody fragment light chain'
3 polymer 'pH-gated potassium channel KcsA'
4 non-polymer NONAN-1-OL
5 non-polymer '(1S)-2-HYDROXY-1-[(NONANOYLOXY)METHYL]ETHYL MYRISTATE'
6 non-polymer 'POTASSIUM ION'
7 water water
#
loop_
_entity_poly.entity_id
_entity_poly.type
_entity_poly.pdbx_seq_one_letter_code
_entity_poly.pdbx_strand_id
1 'polypeptide(L)'
;QVQLQQPGAELVKPGASVKLSCKASGYTFTSDWIHWVKQRPGHGLEWIGEIIPSYGRANYNEKIQKKATLTADKSSSTAF
MQLSSLTSEDSAVYYCARERGDGYFAVWGAGTTVTVSSAKTTPPSVYPLAPGSAAQTNSMVTLGCLVKGYFPEPVTVTWN
SGSLSSGVHTFPAVLQSDLYTLSSSVTVPSSSWPSETVTCNVAHPASSTKVDKKIVPRD
;
A
2 'polypeptide(L)'
;DILLTQSPAILSVSPGERVSFSCRASQSIGTDIHWYQQRTNGSPRLLIKYASESISGIPSRFSGSGSGTDFTLSINSVES
EDIANYYCQQSNRWPFTFGSGTKLEIKRADAAPTVSIFPPSSEQLTSGGASVVCFLNNFYPKDINVKWKIDGSERQNGVL
NSWTDQDSKDSTYSMSSTLTLTKDEYERHNSYTCEATHKTSTSPIVKSFNRN
;
B
3 'polypeptide(L)'
;SALHWRAAGAATVLLVIVLLAGSYLAVLAERGAPGAQLITYPRALWWSVETATTVAYGDLYPVTLWGRCVAVVVMVAGIT
SFGLVTAALATWFVGREQERRGH
;
C
#
loop_
_chem_comp.id
_chem_comp.type
_chem_comp.name
_chem_comp.formula
1EM non-polymer '(1S)-2-HYDROXY-1-[(NONANOYLOXY)METHYL]ETHYL MYRISTATE' 'C26 H50 O5'
F09 non-polymer NONAN-1-OL 'C9 H20 O'
K non-polymer 'POTASSIUM ION' 'K 1'
#
# COMPACT_ATOMS: atom_id res chain seq x y z
N GLN A 1 -8.83 -15.47 -1.28
CA GLN A 1 -7.63 -15.56 -2.10
C GLN A 1 -7.14 -14.16 -2.48
N VAL A 2 -5.82 -14.00 -2.62
CA VAL A 2 -5.26 -12.70 -2.97
C VAL A 2 -5.79 -12.26 -4.32
N GLN A 3 -6.33 -11.04 -4.37
CA GLN A 3 -7.04 -10.60 -5.57
C GLN A 3 -6.07 -10.13 -6.66
N LEU A 4 -4.97 -9.50 -6.28
CA LEU A 4 -4.00 -8.97 -7.24
C LEU A 4 -2.62 -9.47 -6.85
N GLN A 5 -1.95 -10.16 -7.78
CA GLN A 5 -0.65 -10.78 -7.54
C GLN A 5 0.40 -10.07 -8.38
N GLN A 6 1.41 -9.52 -7.71
CA GLN A 6 2.53 -8.84 -8.35
C GLN A 6 3.84 -9.51 -7.97
N PRO A 7 4.83 -9.52 -8.86
CA PRO A 7 6.16 -10.01 -8.48
C PRO A 7 6.79 -9.12 -7.42
N GLY A 8 7.68 -9.72 -6.65
CA GLY A 8 8.24 -9.00 -5.50
C GLY A 8 9.18 -7.88 -5.89
N ALA A 9 9.99 -8.08 -6.93
CA ALA A 9 11.03 -7.11 -7.24
C ALA A 9 11.46 -7.24 -8.68
N GLU A 10 12.01 -6.15 -9.21
CA GLU A 10 12.65 -6.11 -10.52
C GLU A 10 13.87 -5.22 -10.44
N LEU A 11 15.02 -5.73 -10.87
CA LEU A 11 16.23 -4.94 -10.99
C LEU A 11 16.40 -4.53 -12.45
N VAL A 12 16.59 -3.25 -12.69
CA VAL A 12 16.65 -2.69 -14.04
C VAL A 12 17.91 -1.84 -14.14
N LYS A 13 18.65 -2.00 -15.23
CA LYS A 13 19.80 -1.16 -15.47
C LYS A 13 19.34 0.21 -15.99
N PRO A 14 20.12 1.26 -15.72
CA PRO A 14 19.75 2.59 -16.22
C PRO A 14 19.63 2.61 -17.74
N GLY A 15 18.57 3.25 -18.22
CA GLY A 15 18.28 3.27 -19.65
C GLY A 15 17.51 2.08 -20.17
N ALA A 16 17.46 0.98 -19.40
CA ALA A 16 16.73 -0.20 -19.82
C ALA A 16 15.25 -0.06 -19.47
N SER A 17 14.47 -1.11 -19.73
CA SER A 17 13.03 -1.10 -19.52
C SER A 17 12.61 -2.39 -18.86
N VAL A 18 11.39 -2.41 -18.32
CA VAL A 18 10.89 -3.58 -17.61
C VAL A 18 9.36 -3.61 -17.72
N LYS A 19 8.81 -4.82 -17.73
CA LYS A 19 7.38 -5.03 -17.84
C LYS A 19 6.87 -5.65 -16.53
N LEU A 20 6.15 -4.86 -15.74
CA LEU A 20 5.55 -5.33 -14.51
C LEU A 20 4.20 -5.96 -14.80
N SER A 21 3.86 -6.98 -14.00
CA SER A 21 2.64 -7.74 -14.19
C SER A 21 1.78 -7.69 -12.93
N CYS A 22 0.48 -7.85 -13.13
CA CYS A 22 -0.50 -7.84 -12.05
C CYS A 22 -1.60 -8.83 -12.45
N LYS A 23 -1.58 -10.01 -11.84
CA LYS A 23 -2.53 -11.07 -12.16
C LYS A 23 -3.72 -10.98 -11.22
N ALA A 24 -4.92 -10.86 -11.79
CA ALA A 24 -6.13 -10.62 -11.02
C ALA A 24 -6.96 -11.88 -10.90
N SER A 25 -7.49 -12.13 -9.70
CA SER A 25 -8.48 -13.18 -9.49
C SER A 25 -9.71 -12.57 -8.82
N GLY A 26 -10.64 -13.41 -8.39
CA GLY A 26 -11.88 -12.91 -7.84
C GLY A 26 -12.85 -12.50 -8.94
N TYR A 27 -13.89 -11.78 -8.52
CA TYR A 27 -14.89 -11.31 -9.47
C TYR A 27 -14.28 -10.33 -10.45
N THR A 28 -14.56 -10.53 -11.73
CA THR A 28 -14.15 -9.62 -12.79
C THR A 28 -15.38 -9.15 -13.55
N PHE A 29 -15.51 -7.83 -13.68
CA PHE A 29 -16.65 -7.24 -14.37
C PHE A 29 -16.14 -6.35 -15.50
N THR A 30 -17.02 -6.12 -16.48
CA THR A 30 -16.66 -5.26 -17.61
C THR A 30 -16.39 -3.83 -17.18
N SER A 31 -16.84 -3.44 -15.99
CA SER A 31 -16.64 -2.11 -15.45
C SER A 31 -15.35 -1.98 -14.64
N ASP A 32 -14.50 -3.01 -14.65
CA ASP A 32 -13.28 -2.99 -13.85
C ASP A 32 -12.22 -2.09 -14.48
N TRP A 33 -11.52 -1.34 -13.63
CA TRP A 33 -10.35 -0.56 -14.02
C TRP A 33 -9.16 -0.98 -13.17
N ILE A 34 -8.02 -1.17 -13.80
CA ILE A 34 -6.78 -1.50 -13.13
C ILE A 34 -5.91 -0.25 -13.11
N HIS A 35 -5.57 0.22 -11.92
CA HIS A 35 -4.77 1.42 -11.72
C HIS A 35 -3.37 1.03 -11.28
N TRP A 36 -2.41 1.90 -11.57
CA TRP A 36 -1.03 1.74 -11.12
C TRP A 36 -0.61 2.96 -10.33
N VAL A 37 0.03 2.73 -9.19
CA VAL A 37 0.40 3.78 -8.24
C VAL A 37 1.87 3.63 -7.89
N LYS A 38 2.61 4.73 -7.94
CA LYS A 38 4.03 4.75 -7.62
C LYS A 38 4.25 5.33 -6.23
N GLN A 39 5.16 4.72 -5.47
CA GLN A 39 5.51 5.22 -4.14
C GLN A 39 7.02 5.13 -3.98
N ARG A 40 7.68 6.28 -3.93
CA ARG A 40 9.11 6.31 -3.65
C ARG A 40 9.34 6.11 -2.15
N PRO A 41 10.51 5.58 -1.77
CA PRO A 41 10.79 5.33 -0.34
C PRO A 41 10.61 6.58 0.52
N GLY A 42 9.74 6.49 1.51
CA GLY A 42 9.49 7.62 2.39
C GLY A 42 8.65 8.72 1.78
N HIS A 43 7.92 8.45 0.71
CA HIS A 43 7.08 9.43 0.04
C HIS A 43 5.64 8.92 -0.04
N GLY A 44 4.76 9.76 -0.58
CA GLY A 44 3.36 9.44 -0.69
C GLY A 44 3.03 8.59 -1.89
N LEU A 45 1.73 8.47 -2.16
CA LEU A 45 1.23 7.69 -3.27
C LEU A 45 1.01 8.59 -4.48
N GLU A 46 1.51 8.16 -5.64
CA GLU A 46 1.40 8.92 -6.87
C GLU A 46 0.68 8.06 -7.91
N TRP A 47 -0.43 8.58 -8.43
CA TRP A 47 -1.20 7.86 -9.44
C TRP A 47 -0.48 7.92 -10.79
N ILE A 48 -0.25 6.76 -11.39
CA ILE A 48 0.43 6.69 -12.69
C ILE A 48 -0.56 6.66 -13.84
N GLY A 49 -1.54 5.75 -13.77
CA GLY A 49 -2.48 5.61 -14.86
C GLY A 49 -3.46 4.50 -14.56
N GLU A 50 -4.36 4.30 -15.52
CA GLU A 50 -5.45 3.33 -15.41
C GLU A 50 -5.66 2.69 -16.77
N ILE A 51 -6.23 1.48 -16.75
CA ILE A 51 -6.63 0.78 -17.96
C ILE A 51 -7.92 0.03 -17.69
N ILE A 52 -8.81 0.01 -18.68
CA ILE A 52 -10.03 -0.77 -18.61
C ILE A 52 -9.84 -2.03 -19.46
N PRO A 53 -9.68 -3.21 -18.86
CA PRO A 53 -9.37 -4.41 -19.66
C PRO A 53 -10.46 -4.79 -20.65
N SER A 54 -11.73 -4.54 -20.34
CA SER A 54 -12.80 -4.95 -21.24
C SER A 54 -12.74 -4.21 -22.57
N TYR A 55 -12.13 -3.03 -22.58
CA TYR A 55 -11.98 -2.24 -23.81
C TYR A 55 -10.54 -2.02 -24.22
N GLY A 56 -9.59 -2.07 -23.30
CA GLY A 56 -8.20 -1.83 -23.61
C GLY A 56 -7.77 -0.39 -23.57
N ARG A 57 -8.65 0.53 -23.19
CA ARG A 57 -8.32 1.94 -23.14
C ARG A 57 -7.53 2.27 -21.88
N ALA A 58 -6.48 3.09 -22.05
CA ALA A 58 -5.60 3.47 -20.96
C ALA A 58 -5.49 4.99 -20.87
N ASN A 59 -5.47 5.50 -19.66
CA ASN A 59 -5.27 6.91 -19.36
C ASN A 59 -4.08 7.07 -18.42
N TYR A 60 -3.41 8.22 -18.51
CA TYR A 60 -2.17 8.45 -17.80
C TYR A 60 -2.17 9.79 -17.10
N ASN A 61 -1.47 9.84 -15.96
CA ASN A 61 -1.24 11.10 -15.26
C ASN A 61 -0.47 12.05 -16.17
N GLU A 62 -1.08 13.18 -16.48
CA GLU A 62 -0.43 14.13 -17.38
C GLU A 62 0.53 15.06 -16.64
N LYS A 63 0.50 15.11 -15.31
CA LYS A 63 1.39 16.00 -14.57
C LYS A 63 2.82 15.50 -14.54
N ILE A 64 3.05 14.20 -14.79
CA ILE A 64 4.37 13.60 -14.71
C ILE A 64 4.77 13.12 -16.10
N GLN A 65 6.09 13.01 -16.30
CA GLN A 65 6.61 12.47 -17.55
C GLN A 65 6.17 11.03 -17.72
N LYS A 66 5.66 10.70 -18.92
CA LYS A 66 5.11 9.38 -19.18
C LYS A 66 6.24 8.39 -19.37
N LYS A 67 6.45 7.53 -18.37
CA LYS A 67 7.37 6.41 -18.48
C LYS A 67 6.65 5.09 -18.66
N ALA A 68 5.33 5.05 -18.50
CA ALA A 68 4.58 3.80 -18.44
C ALA A 68 3.70 3.63 -19.68
N THR A 69 3.48 2.36 -20.02
CA THR A 69 2.53 1.97 -21.07
C THR A 69 1.72 0.79 -20.54
N LEU A 70 0.41 0.95 -20.46
CA LEU A 70 -0.45 -0.04 -19.84
C LEU A 70 -1.12 -0.92 -20.89
N THR A 71 -1.08 -2.23 -20.66
CA THR A 71 -1.80 -3.19 -21.49
C THR A 71 -2.50 -4.19 -20.57
N ALA A 72 -3.35 -5.03 -21.18
CA ALA A 72 -4.06 -6.05 -20.41
C ALA A 72 -4.33 -7.25 -21.30
N ASP A 73 -4.27 -8.44 -20.70
CA ASP A 73 -4.58 -9.70 -21.35
C ASP A 73 -5.81 -10.27 -20.65
N LYS A 74 -6.92 -10.38 -21.39
CA LYS A 74 -8.18 -10.79 -20.79
C LYS A 74 -8.21 -12.28 -20.51
N SER A 75 -7.58 -13.09 -21.37
CA SER A 75 -7.60 -14.54 -21.19
C SER A 75 -6.89 -14.93 -19.90
N SER A 76 -5.71 -14.37 -19.67
CA SER A 76 -4.97 -14.63 -18.44
C SER A 76 -5.34 -13.67 -17.31
N SER A 77 -6.22 -12.70 -17.59
CA SER A 77 -6.66 -11.72 -16.59
C SER A 77 -5.47 -11.02 -15.93
N THR A 78 -4.54 -10.55 -16.76
CA THR A 78 -3.30 -9.97 -16.26
C THR A 78 -3.07 -8.60 -16.88
N ALA A 79 -2.86 -7.60 -16.03
CA ALA A 79 -2.51 -6.26 -16.48
C ALA A 79 -1.00 -6.10 -16.47
N PHE A 80 -0.48 -5.36 -17.45
CA PHE A 80 0.95 -5.12 -17.58
C PHE A 80 1.23 -3.64 -17.67
N MET A 81 2.34 -3.22 -17.04
CA MET A 81 2.84 -1.86 -17.15
C MET A 81 4.29 -1.91 -17.63
N GLN A 82 4.54 -1.38 -18.81
CA GLN A 82 5.90 -1.30 -19.35
C GLN A 82 6.49 0.05 -18.98
N LEU A 83 7.52 0.04 -18.13
CA LEU A 83 8.30 1.23 -17.82
C LEU A 83 9.54 1.23 -18.69
N SER A 84 9.81 2.35 -19.37
CA SER A 84 10.85 2.42 -20.37
C SER A 84 11.87 3.50 -20.03
N SER A 85 13.13 3.23 -20.39
CA SER A 85 14.24 4.17 -20.23
C SER A 85 14.31 4.71 -18.81
N LEU A 86 14.56 3.80 -17.87
CA LEU A 86 14.46 4.11 -16.46
C LEU A 86 15.75 4.75 -15.94
N THR A 87 15.59 5.64 -14.97
CA THR A 87 16.69 6.23 -14.21
C THR A 87 16.45 5.95 -12.73
N SER A 88 17.36 6.46 -11.89
CA SER A 88 17.23 6.27 -10.45
C SER A 88 15.96 6.91 -9.89
N GLU A 89 15.42 7.93 -10.56
CA GLU A 89 14.16 8.51 -10.14
C GLU A 89 12.99 7.54 -10.29
N ASP A 90 13.16 6.51 -11.12
CA ASP A 90 12.11 5.52 -11.32
C ASP A 90 12.13 4.40 -10.28
N SER A 91 13.15 4.36 -9.42
CA SER A 91 13.20 3.35 -8.36
C SER A 91 12.11 3.63 -7.33
N ALA A 92 11.22 2.66 -7.13
CA ALA A 92 10.07 2.86 -6.25
C ALA A 92 9.30 1.55 -6.14
N VAL A 93 8.32 1.54 -5.24
CA VAL A 93 7.35 0.44 -5.19
C VAL A 93 6.19 0.82 -6.10
N TYR A 94 5.83 -0.10 -7.00
CA TYR A 94 4.72 0.10 -7.93
C TYR A 94 3.60 -0.86 -7.56
N TYR A 95 2.48 -0.31 -7.14
CA TYR A 95 1.28 -1.07 -6.81
C TYR A 95 0.34 -1.10 -8.01
N CYS A 96 -0.38 -2.21 -8.14
CA CYS A 96 -1.58 -2.25 -8.94
C CYS A 96 -2.78 -2.32 -8.00
N ALA A 97 -3.88 -1.72 -8.43
CA ALA A 97 -5.10 -1.66 -7.63
C ALA A 97 -6.30 -1.83 -8.55
N ARG A 98 -7.38 -2.37 -8.01
CA ARG A 98 -8.59 -2.61 -8.78
C ARG A 98 -9.70 -1.68 -8.30
N GLU A 99 -10.35 -1.01 -9.25
CA GLU A 99 -11.48 -0.15 -8.98
C GLU A 99 -12.68 -0.68 -9.76
N ARG A 100 -13.81 -0.83 -9.09
CA ARG A 100 -15.00 -1.37 -9.73
C ARG A 100 -15.73 -0.29 -10.53
N GLY A 101 -15.01 0.70 -11.01
CA GLY A 101 -15.61 1.78 -11.76
C GLY A 101 -16.42 2.75 -10.93
N ASP A 102 -16.30 2.69 -9.60
CA ASP A 102 -17.06 3.60 -8.73
C ASP A 102 -16.15 4.42 -7.83
N GLY A 103 -14.88 4.60 -8.20
CA GLY A 103 -14.06 5.68 -7.69
C GLY A 103 -13.01 5.31 -6.67
N TYR A 104 -13.15 4.18 -5.98
CA TYR A 104 -12.22 3.84 -4.90
C TYR A 104 -11.50 2.54 -5.22
N PHE A 105 -10.32 2.39 -4.60
CA PHE A 105 -9.46 1.23 -4.82
C PHE A 105 -9.80 0.19 -3.76
N ALA A 106 -10.71 -0.72 -4.10
CA ALA A 106 -11.15 -1.73 -3.15
C ALA A 106 -10.04 -2.68 -2.76
N VAL A 107 -9.12 -2.98 -3.68
CA VAL A 107 -8.07 -3.96 -3.43
C VAL A 107 -6.77 -3.48 -4.07
N TRP A 108 -5.65 -3.78 -3.39
CA TRP A 108 -4.32 -3.42 -3.84
C TRP A 108 -3.46 -4.67 -3.91
N GLY A 109 -2.55 -4.71 -4.88
CA GLY A 109 -1.52 -5.72 -4.89
C GLY A 109 -0.46 -5.42 -3.84
N ALA A 110 0.46 -6.38 -3.68
CA ALA A 110 1.52 -6.23 -2.69
C ALA A 110 2.59 -5.25 -3.13
N GLY A 111 2.67 -4.94 -4.42
CA GLY A 111 3.64 -3.99 -4.92
C GLY A 111 4.91 -4.63 -5.39
N THR A 112 5.47 -4.14 -6.49
CA THR A 112 6.73 -4.59 -7.03
C THR A 112 7.79 -3.52 -6.74
N THR A 113 8.83 -3.90 -6.02
CA THR A 113 9.95 -3.00 -5.75
C THR A 113 10.86 -2.97 -6.97
N VAL A 114 10.90 -1.83 -7.65
CA VAL A 114 11.75 -1.64 -8.81
C VAL A 114 12.96 -0.83 -8.39
N THR A 115 14.15 -1.42 -8.56
CA THR A 115 15.42 -0.75 -8.30
C THR A 115 16.14 -0.55 -9.62
N VAL A 116 16.52 0.70 -9.88
CA VAL A 116 17.27 1.04 -11.09
C VAL A 116 18.73 1.23 -10.69
N SER A 117 19.57 0.27 -11.07
CA SER A 117 20.98 0.29 -10.69
C SER A 117 21.77 -0.57 -11.66
N SER A 118 23.07 -0.33 -11.70
CA SER A 118 23.98 -1.14 -12.50
C SER A 118 24.59 -2.29 -11.72
N ALA A 119 24.39 -2.34 -10.41
CA ALA A 119 24.98 -3.39 -9.58
C ALA A 119 24.34 -4.74 -9.89
N LYS A 120 25.02 -5.79 -9.46
CA LYS A 120 24.60 -7.15 -9.75
C LYS A 120 23.69 -7.69 -8.66
N THR A 121 22.76 -8.54 -9.06
CA THR A 121 21.90 -9.22 -8.10
C THR A 121 22.74 -10.13 -7.20
N THR A 122 22.51 -10.03 -5.89
CA THR A 122 23.28 -10.83 -4.95
C THR A 122 22.35 -11.39 -3.87
N PRO A 123 22.32 -12.70 -3.69
CA PRO A 123 21.49 -13.28 -2.62
C PRO A 123 22.10 -13.00 -1.27
N PRO A 124 21.29 -13.01 -0.21
CA PRO A 124 21.82 -12.70 1.12
C PRO A 124 22.45 -13.91 1.79
N SER A 125 23.37 -13.62 2.70
CA SER A 125 23.90 -14.60 3.63
C SER A 125 23.14 -14.45 4.95
N VAL A 126 22.61 -15.56 5.45
CA VAL A 126 21.79 -15.56 6.65
C VAL A 126 22.55 -16.25 7.76
N TYR A 127 22.77 -15.53 8.86
CA TYR A 127 23.48 -16.06 10.00
C TYR A 127 22.60 -16.04 11.24
N PRO A 128 22.69 -17.04 12.10
CA PRO A 128 21.91 -17.02 13.34
C PRO A 128 22.49 -16.06 14.36
N LEU A 129 21.62 -15.59 15.26
CA LEU A 129 22.00 -14.72 16.36
C LEU A 129 21.41 -15.32 17.61
N ALA A 130 22.19 -16.17 18.28
CA ALA A 130 21.89 -16.80 19.56
C ALA A 130 22.71 -16.15 20.68
N PRO A 131 22.20 -16.13 21.90
CA PRO A 131 22.91 -15.43 22.97
C PRO A 131 24.23 -16.13 23.31
N GLY A 132 25.18 -15.33 23.81
CA GLY A 132 26.45 -15.85 24.23
C GLY A 132 26.34 -16.71 25.48
N SER A 133 27.47 -17.34 25.81
CA SER A 133 27.48 -18.29 26.93
C SER A 133 27.16 -17.61 28.26
N ALA A 134 27.53 -16.35 28.41
CA ALA A 134 27.41 -15.65 29.69
C ALA A 134 26.17 -14.77 29.80
N ALA A 135 25.33 -14.74 28.77
CA ALA A 135 24.11 -13.94 28.84
C ALA A 135 23.10 -14.60 29.76
N GLN A 136 22.39 -13.78 30.53
CA GLN A 136 21.32 -14.24 31.41
C GLN A 136 19.97 -13.84 30.82
N THR A 137 18.97 -14.70 31.04
CA THR A 137 17.66 -14.52 30.46
C THR A 137 16.62 -14.31 31.56
N ASN A 138 15.64 -13.45 31.27
CA ASN A 138 14.49 -13.28 32.15
C ASN A 138 13.44 -14.34 31.81
N SER A 139 12.17 -13.99 31.90
CA SER A 139 11.13 -14.91 31.44
C SER A 139 11.09 -15.00 29.93
N MET A 140 11.71 -14.05 29.22
CA MET A 140 11.75 -14.04 27.78
C MET A 140 13.20 -14.13 27.30
N VAL A 141 13.38 -14.63 26.09
CA VAL A 141 14.67 -14.72 25.43
C VAL A 141 14.54 -14.11 24.04
N THR A 142 15.60 -13.42 23.62
CA THR A 142 15.62 -12.72 22.33
C THR A 142 16.63 -13.40 21.41
N LEU A 143 16.17 -13.80 20.23
CA LEU A 143 17.01 -14.39 19.20
C LEU A 143 16.90 -13.53 17.94
N GLY A 144 17.77 -13.79 16.98
CA GLY A 144 17.70 -13.01 15.77
C GLY A 144 18.37 -13.69 14.59
N CYS A 145 18.32 -13.00 13.46
CA CYS A 145 18.99 -13.46 12.25
C CYS A 145 19.56 -12.27 11.50
N LEU A 146 20.78 -12.43 11.01
CA LEU A 146 21.51 -11.40 10.30
C LEU A 146 21.49 -11.71 8.81
N VAL A 147 20.87 -10.83 8.03
CA VAL A 147 20.70 -10.98 6.60
C VAL A 147 21.64 -9.97 5.94
N LYS A 148 22.76 -10.45 5.40
CA LYS A 148 23.88 -9.59 5.05
C LYS A 148 24.29 -9.77 3.60
N GLY A 149 24.67 -8.66 2.95
CA GLY A 149 25.29 -8.72 1.64
C GLY A 149 24.36 -9.08 0.50
N TYR A 150 23.20 -8.45 0.42
CA TYR A 150 22.24 -8.73 -0.63
C TYR A 150 21.92 -7.47 -1.42
N PHE A 151 21.48 -7.67 -2.66
CA PHE A 151 21.09 -6.58 -3.55
C PHE A 151 20.23 -7.16 -4.67
N PRO A 152 19.14 -6.50 -5.06
CA PRO A 152 18.65 -5.28 -4.41
C PRO A 152 17.62 -5.58 -3.33
N GLU A 153 16.98 -4.53 -2.82
CA GLU A 153 15.84 -4.70 -1.95
C GLU A 153 14.68 -5.32 -2.72
N PRO A 154 13.75 -5.99 -2.04
CA PRO A 154 13.72 -6.23 -0.59
C PRO A 154 14.01 -7.67 -0.21
N VAL A 155 13.97 -7.95 1.09
CA VAL A 155 13.89 -9.31 1.60
C VAL A 155 12.69 -9.39 2.52
N THR A 156 12.08 -10.56 2.58
CA THR A 156 10.98 -10.85 3.50
C THR A 156 11.47 -11.85 4.52
N VAL A 157 11.40 -11.47 5.80
CA VAL A 157 11.83 -12.33 6.90
C VAL A 157 10.60 -12.75 7.69
N THR A 158 10.40 -14.05 7.82
CA THR A 158 9.37 -14.61 8.68
C THR A 158 10.03 -15.50 9.71
N TRP A 159 9.28 -15.82 10.77
CA TRP A 159 9.77 -16.69 11.83
C TRP A 159 8.84 -17.89 11.94
N ASN A 160 9.42 -19.08 11.81
CA ASN A 160 8.68 -20.35 11.80
C ASN A 160 7.58 -20.34 10.74
N SER A 161 8.00 -20.01 9.51
CA SER A 161 7.12 -20.02 8.33
C SER A 161 5.88 -19.16 8.55
N GLY A 162 6.06 -18.03 9.24
CA GLY A 162 5.01 -17.09 9.48
C GLY A 162 4.18 -17.33 10.72
N SER A 163 4.27 -18.52 11.32
CA SER A 163 3.45 -18.83 12.49
C SER A 163 3.88 -18.04 13.73
N LEU A 164 5.07 -17.46 13.71
CA LEU A 164 5.58 -16.66 14.82
C LEU A 164 5.59 -15.20 14.37
N SER A 165 4.57 -14.45 14.77
CA SER A 165 4.43 -13.04 14.42
C SER A 165 4.57 -12.11 15.61
N SER A 166 4.01 -12.47 16.76
CA SER A 166 4.17 -11.67 17.96
C SER A 166 5.61 -11.71 18.44
N GLY A 167 6.13 -10.56 18.85
CA GLY A 167 7.50 -10.47 19.34
C GLY A 167 8.54 -10.32 18.26
N VAL A 168 8.15 -9.98 17.04
CA VAL A 168 9.07 -9.88 15.90
C VAL A 168 9.17 -8.42 15.48
N HIS A 169 10.39 -7.98 15.18
CA HIS A 169 10.54 -6.79 14.35
C HIS A 169 11.79 -6.93 13.50
N THR A 170 11.70 -6.47 12.26
CA THR A 170 12.80 -6.50 11.30
C THR A 170 13.25 -5.08 11.04
N PHE A 171 14.54 -4.85 11.13
CA PHE A 171 15.03 -3.49 11.01
C PHE A 171 15.22 -3.10 9.55
N PRO A 172 15.07 -1.81 9.23
CA PRO A 172 15.35 -1.35 7.87
C PRO A 172 16.77 -1.67 7.46
N ALA A 173 16.94 -2.01 6.18
CA ALA A 173 18.26 -2.35 5.68
C ALA A 173 19.14 -1.11 5.58
N VAL A 174 20.44 -1.31 5.74
CA VAL A 174 21.44 -0.27 5.52
C VAL A 174 22.27 -0.68 4.31
N LEU A 175 22.62 0.31 3.49
CA LEU A 175 23.27 0.08 2.20
C LEU A 175 24.73 0.52 2.29
N GLN A 176 25.64 -0.39 1.96
CA GLN A 176 27.07 -0.13 1.95
C GLN A 176 27.69 -0.92 0.81
N SER A 177 28.50 -0.24 0.00
CA SER A 177 29.25 -0.86 -1.10
C SER A 177 28.34 -1.71 -1.98
N ASP A 178 27.19 -1.11 -2.35
CA ASP A 178 26.23 -1.75 -3.25
C ASP A 178 25.65 -3.03 -2.67
N LEU A 179 25.62 -3.16 -1.35
CA LEU A 179 25.05 -4.34 -0.70
C LEU A 179 24.26 -3.92 0.53
N TYR A 180 23.14 -4.60 0.77
CA TYR A 180 22.26 -4.29 1.88
C TYR A 180 22.48 -5.25 3.03
N THR A 181 22.23 -4.77 4.25
CA THR A 181 22.30 -5.60 5.44
C THR A 181 21.20 -5.20 6.41
N LEU A 182 20.53 -6.20 6.98
CA LEU A 182 19.55 -5.97 8.03
C LEU A 182 19.60 -7.11 9.03
N SER A 183 18.84 -6.96 10.11
CA SER A 183 18.69 -8.00 11.11
C SER A 183 17.22 -8.07 11.51
N SER A 184 16.79 -9.27 11.89
CA SER A 184 15.45 -9.49 12.39
C SER A 184 15.53 -10.06 13.79
N SER A 185 14.64 -9.60 14.67
CA SER A 185 14.63 -9.97 16.07
C SER A 185 13.30 -10.60 16.44
N VAL A 186 13.36 -11.68 17.22
CA VAL A 186 12.18 -12.38 17.72
C VAL A 186 12.37 -12.66 19.20
N THR A 187 11.31 -12.49 19.99
CA THR A 187 11.36 -12.72 21.42
C THR A 187 10.31 -13.75 21.80
N VAL A 188 10.73 -14.80 22.49
CA VAL A 188 9.82 -15.88 22.89
C VAL A 188 10.06 -16.21 24.35
N PRO A 189 9.09 -16.82 25.03
CA PRO A 189 9.31 -17.24 26.41
C PRO A 189 10.56 -18.12 26.52
N SER A 190 11.44 -17.76 27.46
CA SER A 190 12.74 -18.43 27.56
C SER A 190 12.58 -19.91 27.88
N SER A 191 11.49 -20.29 28.55
CA SER A 191 11.24 -21.70 28.84
C SER A 191 10.97 -22.51 27.58
N SER A 192 10.55 -21.87 26.50
CA SER A 192 10.12 -22.58 25.30
C SER A 192 11.24 -22.76 24.27
N TRP A 193 12.41 -22.21 24.49
CA TRP A 193 13.52 -22.37 23.58
C TRP A 193 14.73 -22.89 24.34
N PRO A 194 15.50 -23.83 23.78
CA PRO A 194 15.41 -24.40 22.43
C PRO A 194 14.50 -25.62 22.28
N SER A 195 13.70 -25.93 23.31
CA SER A 195 12.85 -27.11 23.24
C SER A 195 11.86 -27.00 22.08
N GLU A 196 11.30 -25.82 21.87
CA GLU A 196 10.48 -25.54 20.69
C GLU A 196 11.32 -24.80 19.67
N THR A 197 11.32 -25.30 18.43
CA THR A 197 12.24 -24.80 17.42
C THR A 197 11.88 -23.39 16.99
N VAL A 198 12.91 -22.57 16.77
CA VAL A 198 12.77 -21.22 16.23
C VAL A 198 13.64 -21.15 14.98
N THR A 199 13.02 -20.82 13.85
CA THR A 199 13.71 -20.76 12.57
C THR A 199 13.32 -19.47 11.84
N CYS A 200 14.30 -18.84 11.21
CA CYS A 200 14.04 -17.68 10.37
C CYS A 200 13.99 -18.11 8.91
N ASN A 201 13.07 -17.50 8.16
CA ASN A 201 12.91 -17.76 6.74
C ASN A 201 13.13 -16.45 6.00
N VAL A 202 14.11 -16.42 5.12
CA VAL A 202 14.53 -15.22 4.42
C VAL A 202 14.28 -15.44 2.93
N ALA A 203 13.37 -14.66 2.36
CA ALA A 203 13.06 -14.71 0.93
C ALA A 203 13.64 -13.48 0.25
N HIS A 204 14.46 -13.72 -0.78
CA HIS A 204 14.98 -12.67 -1.65
C HIS A 204 14.35 -12.86 -3.02
N PRO A 205 13.34 -12.07 -3.37
CA PRO A 205 12.64 -12.29 -4.65
C PRO A 205 13.47 -11.95 -5.87
N ALA A 206 14.37 -10.96 -5.78
CA ALA A 206 15.14 -10.57 -6.95
C ALA A 206 16.10 -11.67 -7.40
N SER A 207 16.53 -12.52 -6.47
CA SER A 207 17.36 -13.67 -6.81
C SER A 207 16.57 -14.98 -6.78
N SER A 208 15.26 -14.91 -6.51
CA SER A 208 14.39 -16.08 -6.48
C SER A 208 14.88 -17.12 -5.47
N THR A 209 15.33 -16.64 -4.30
CA THR A 209 15.86 -17.54 -3.28
C THR A 209 15.05 -17.44 -2.00
N LYS A 210 15.03 -18.54 -1.25
CA LYS A 210 14.37 -18.59 0.05
C LYS A 210 15.14 -19.59 0.91
N VAL A 211 15.68 -19.11 2.02
CA VAL A 211 16.54 -19.95 2.86
C VAL A 211 16.02 -19.94 4.29
N ASP A 212 16.25 -21.05 4.99
CA ASP A 212 15.90 -21.20 6.40
C ASP A 212 17.17 -21.25 7.23
N LYS A 213 17.10 -20.67 8.42
CA LYS A 213 18.21 -20.72 9.38
C LYS A 213 17.63 -21.02 10.76
N LYS A 214 17.98 -22.17 11.29
CA LYS A 214 17.52 -22.59 12.61
C LYS A 214 18.42 -21.97 13.67
N ILE A 215 17.80 -21.40 14.70
CA ILE A 215 18.54 -20.75 15.79
C ILE A 215 18.68 -21.77 16.92
N VAL A 216 19.89 -22.29 17.09
CA VAL A 216 20.18 -23.26 18.15
C VAL A 216 21.12 -22.60 19.14
N PRO A 217 21.12 -23.02 20.42
CA PRO A 217 22.04 -22.42 21.39
C PRO A 217 23.48 -22.74 21.03
N ARG A 218 24.37 -21.78 21.32
CA ARG A 218 25.79 -22.01 21.21
C ARG A 218 26.19 -23.07 22.23
N ASP A 219 26.13 -24.34 21.83
CA ASP A 219 26.32 -25.44 22.76
C ASP A 219 27.74 -26.00 22.72
N ASP B 1 -6.36 19.76 -11.79
CA ASP B 1 -6.42 18.59 -10.90
C ASP B 1 -6.70 19.03 -9.47
N ILE B 2 -7.43 18.19 -8.71
CA ILE B 2 -7.87 18.54 -7.37
C ILE B 2 -6.75 18.27 -6.38
N LEU B 3 -6.36 19.29 -5.62
CA LEU B 3 -5.34 19.16 -4.58
C LEU B 3 -5.99 18.74 -3.28
N LEU B 4 -5.46 17.68 -2.67
CA LEU B 4 -5.93 17.17 -1.39
C LEU B 4 -4.88 17.51 -0.34
N THR B 5 -5.21 18.42 0.57
CA THR B 5 -4.29 18.86 1.61
C THR B 5 -4.58 18.11 2.90
N GLN B 6 -3.58 17.38 3.40
CA GLN B 6 -3.68 16.67 4.69
C GLN B 6 -2.71 17.35 5.65
N SER B 7 -3.27 18.17 6.56
CA SER B 7 -2.46 18.91 7.54
C SER B 7 -3.15 18.80 8.89
N PRO B 8 -2.41 18.47 9.97
CA PRO B 8 -0.96 18.27 10.01
C PRO B 8 -0.49 16.93 9.43
N ALA B 9 0.81 16.86 9.11
CA ALA B 9 1.38 15.65 8.55
C ALA B 9 1.61 14.57 9.61
N ILE B 10 1.69 14.95 10.88
CA ILE B 10 1.90 14.00 11.97
C ILE B 10 0.88 14.30 13.07
N LEU B 11 0.23 13.26 13.57
CA LEU B 11 -0.74 13.37 14.65
C LEU B 11 -0.25 12.52 15.82
N SER B 12 -0.15 13.14 17.00
CA SER B 12 0.33 12.49 18.21
C SER B 12 -0.81 12.43 19.22
N VAL B 13 -1.10 11.23 19.72
CA VAL B 13 -2.28 10.98 20.54
C VAL B 13 -1.93 9.97 21.63
N SER B 14 -2.59 10.11 22.78
CA SER B 14 -2.46 9.15 23.86
C SER B 14 -3.38 7.95 23.62
N PRO B 15 -3.01 6.77 24.13
CA PRO B 15 -3.84 5.59 23.90
C PRO B 15 -5.24 5.75 24.48
N GLY B 16 -6.24 5.36 23.69
CA GLY B 16 -7.63 5.46 24.10
C GLY B 16 -8.30 6.78 23.80
N GLU B 17 -7.58 7.74 23.23
CA GLU B 17 -8.14 9.04 22.92
C GLU B 17 -8.67 9.08 21.49
N ARG B 18 -9.69 9.91 21.27
CA ARG B 18 -10.23 10.10 19.93
C ARG B 18 -9.30 10.99 19.12
N VAL B 19 -9.14 10.66 17.83
CA VAL B 19 -8.24 11.37 16.94
C VAL B 19 -8.94 11.64 15.63
N SER B 20 -8.55 12.73 14.96
CA SER B 20 -9.20 13.19 13.74
C SER B 20 -8.17 13.67 12.74
N PHE B 21 -8.09 12.99 11.60
CA PHE B 21 -7.29 13.40 10.46
C PHE B 21 -8.13 14.30 9.55
N SER B 22 -7.48 15.31 8.98
CA SER B 22 -8.14 16.30 8.14
C SER B 22 -7.70 16.16 6.69
N CYS B 23 -8.65 16.28 5.78
CA CYS B 23 -8.38 16.28 4.34
C CYS B 23 -9.19 17.42 3.71
N ARG B 24 -8.52 18.36 3.07
CA ARG B 24 -9.17 19.51 2.48
C ARG B 24 -8.94 19.53 0.98
N ALA B 25 -10.02 19.61 0.21
CA ALA B 25 -9.94 19.62 -1.24
C ALA B 25 -9.90 21.06 -1.77
N SER B 26 -9.17 21.24 -2.87
CA SER B 26 -9.03 22.57 -3.46
C SER B 26 -10.33 23.06 -4.09
N GLN B 27 -11.30 22.17 -4.31
CA GLN B 27 -12.62 22.57 -4.76
C GLN B 27 -13.64 21.58 -4.21
N SER B 28 -14.91 21.96 -4.30
CA SER B 28 -15.99 21.16 -3.74
C SER B 28 -16.15 19.86 -4.51
N ILE B 29 -16.14 18.73 -3.81
CA ILE B 29 -16.15 17.41 -4.44
C ILE B 29 -17.24 16.54 -3.83
N GLY B 30 -18.28 17.16 -3.28
CA GLY B 30 -19.38 16.39 -2.70
C GLY B 30 -18.89 15.50 -1.58
N THR B 31 -19.14 14.19 -1.72
CA THR B 31 -18.67 13.20 -0.76
C THR B 31 -17.73 12.18 -1.41
N ASP B 32 -17.10 12.54 -2.52
CA ASP B 32 -16.29 11.59 -3.29
C ASP B 32 -14.86 11.53 -2.76
N ILE B 33 -14.74 11.24 -1.46
CA ILE B 33 -13.46 11.06 -0.82
C ILE B 33 -13.42 9.68 -0.16
N HIS B 34 -12.26 9.04 -0.22
CA HIS B 34 -12.04 7.71 0.33
C HIS B 34 -10.75 7.70 1.13
N TRP B 35 -10.75 6.94 2.22
CA TRP B 35 -9.65 6.92 3.19
C TRP B 35 -9.01 5.54 3.21
N TYR B 36 -7.67 5.53 3.13
CA TYR B 36 -6.85 4.34 3.13
C TYR B 36 -5.83 4.40 4.25
N GLN B 37 -5.49 3.23 4.78
CA GLN B 37 -4.46 3.06 5.80
C GLN B 37 -3.31 2.25 5.22
N GLN B 38 -2.08 2.73 5.43
CA GLN B 38 -0.88 2.01 5.03
C GLN B 38 0.03 1.87 6.23
N ARG B 39 0.19 0.65 6.72
CA ARG B 39 1.17 0.40 7.76
C ARG B 39 2.56 0.24 7.13
N THR B 40 3.57 0.25 8.01
CA THR B 40 4.96 0.02 7.59
C THR B 40 5.08 -1.28 6.80
N ASN B 41 5.71 -1.16 5.63
CA ASN B 41 6.01 -2.28 4.74
C ASN B 41 4.75 -2.94 4.18
N GLY B 42 3.60 -2.25 4.24
CA GLY B 42 2.36 -2.80 3.78
C GLY B 42 1.79 -2.01 2.61
N SER B 43 0.79 -2.59 1.98
CA SER B 43 0.07 -1.91 0.91
C SER B 43 -1.10 -1.12 1.49
N PRO B 44 -1.57 -0.10 0.78
CA PRO B 44 -2.72 0.66 1.26
C PRO B 44 -3.94 -0.22 1.46
N ARG B 45 -4.81 0.22 2.37
CA ARG B 45 -5.97 -0.56 2.79
C ARG B 45 -7.17 0.37 2.92
N LEU B 46 -8.20 0.14 2.10
CA LEU B 46 -9.38 0.98 2.13
C LEU B 46 -10.05 0.92 3.49
N LEU B 47 -10.21 2.09 4.12
CA LEU B 47 -10.87 2.21 5.41
C LEU B 47 -12.28 2.75 5.29
N ILE B 48 -12.45 3.81 4.52
CA ILE B 48 -13.75 4.47 4.39
C ILE B 48 -13.95 4.83 2.93
N LYS B 49 -15.17 4.65 2.43
CA LYS B 49 -15.49 5.06 1.07
C LYS B 49 -16.60 6.09 1.11
N TYR B 50 -16.57 7.00 0.13
CA TYR B 50 -17.56 8.06 -0.02
C TYR B 50 -17.77 8.80 1.31
N ALA B 51 -16.65 9.21 1.90
CA ALA B 51 -16.58 10.12 3.04
C ALA B 51 -17.02 9.48 4.37
N SER B 52 -18.02 8.60 4.35
CA SER B 52 -18.57 8.10 5.60
C SER B 52 -19.03 6.65 5.58
N GLU B 53 -18.98 5.96 4.44
CA GLU B 53 -19.52 4.62 4.34
C GLU B 53 -18.54 3.59 4.88
N SER B 54 -19.02 2.70 5.74
CA SER B 54 -18.17 1.69 6.35
C SER B 54 -17.76 0.63 5.35
N ILE B 55 -16.60 0.02 5.60
CA ILE B 55 -16.07 -1.07 4.79
C ILE B 55 -16.11 -2.35 5.63
N SER B 56 -16.52 -3.45 5.00
CA SER B 56 -16.59 -4.72 5.70
C SER B 56 -15.20 -5.15 6.17
N GLY B 57 -15.09 -5.52 7.44
CA GLY B 57 -13.85 -5.94 8.03
C GLY B 57 -13.05 -4.87 8.71
N ILE B 58 -13.47 -3.60 8.60
CA ILE B 58 -12.79 -2.49 9.26
C ILE B 58 -13.42 -2.30 10.63
N PRO B 59 -12.63 -2.14 11.69
CA PRO B 59 -13.22 -1.98 13.03
C PRO B 59 -14.17 -0.80 13.10
N SER B 60 -15.27 -0.97 13.84
CA SER B 60 -16.24 0.09 14.04
C SER B 60 -15.61 1.35 14.63
N ARG B 61 -14.41 1.22 15.19
CA ARG B 61 -13.65 2.34 15.71
C ARG B 61 -13.45 3.46 14.69
N PHE B 62 -13.39 3.12 13.41
CA PHE B 62 -13.14 4.09 12.35
C PHE B 62 -14.44 4.69 11.85
N SER B 63 -14.43 6.00 11.60
CA SER B 63 -15.58 6.66 10.99
C SER B 63 -15.07 7.82 10.13
N GLY B 64 -15.96 8.34 9.29
CA GLY B 64 -15.63 9.46 8.43
C GLY B 64 -16.78 10.44 8.37
N SER B 65 -16.43 11.69 8.04
CA SER B 65 -17.41 12.77 8.06
C SER B 65 -16.99 13.86 7.09
N GLY B 66 -17.95 14.68 6.70
CA GLY B 66 -17.68 15.87 5.91
C GLY B 66 -18.26 15.78 4.52
N SER B 67 -18.33 16.94 3.86
CA SER B 67 -18.77 17.04 2.48
C SER B 67 -18.29 18.39 1.94
N GLY B 68 -18.22 18.47 0.61
CA GLY B 68 -17.75 19.68 -0.03
C GLY B 68 -16.24 19.73 -0.18
N THR B 69 -15.57 20.51 0.68
CA THR B 69 -14.13 20.65 0.64
C THR B 69 -13.41 20.13 1.88
N ASP B 70 -14.11 19.93 3.00
CA ASP B 70 -13.48 19.57 4.26
C ASP B 70 -13.99 18.22 4.72
N PHE B 71 -13.06 17.30 5.00
CA PHE B 71 -13.38 15.93 5.36
C PHE B 71 -12.52 15.50 6.55
N THR B 72 -13.07 14.60 7.35
CA THR B 72 -12.44 14.15 8.58
C THR B 72 -12.52 12.64 8.67
N LEU B 73 -11.40 12.01 9.00
CA LEU B 73 -11.35 10.61 9.37
C LEU B 73 -11.11 10.50 10.87
N SER B 74 -12.00 9.81 11.58
CA SER B 74 -11.95 9.77 13.03
C SER B 74 -11.72 8.37 13.54
N ILE B 75 -10.93 8.26 14.60
CA ILE B 75 -10.67 7.02 15.30
C ILE B 75 -11.02 7.27 16.77
N ASN B 76 -12.02 6.55 17.26
CA ASN B 76 -12.42 6.63 18.67
C ASN B 76 -11.62 5.61 19.47
N SER B 77 -10.90 6.07 20.50
CA SER B 77 -10.02 5.22 21.29
C SER B 77 -8.94 4.57 20.43
N VAL B 78 -7.87 5.32 20.18
CA VAL B 78 -6.76 4.83 19.38
C VAL B 78 -6.05 3.70 20.11
N GLU B 79 -5.51 2.76 19.35
CA GLU B 79 -4.67 1.71 19.89
C GLU B 79 -3.49 1.48 18.96
N SER B 80 -2.56 0.62 19.40
CA SER B 80 -1.26 0.51 18.76
C SER B 80 -1.37 0.09 17.30
N GLU B 81 -2.32 -0.79 16.98
CA GLU B 81 -2.45 -1.28 15.62
C GLU B 81 -2.86 -0.18 14.64
N ASP B 82 -3.27 0.98 15.13
CA ASP B 82 -3.61 2.11 14.26
C ASP B 82 -2.39 2.88 13.77
N ILE B 83 -1.21 2.64 14.33
CA ILE B 83 0.00 3.36 13.93
C ILE B 83 0.28 3.07 12.46
N ALA B 84 0.17 4.10 11.63
CA ALA B 84 0.22 3.95 10.18
C ALA B 84 0.14 5.33 9.55
N ASN B 85 0.33 5.37 8.23
CA ASN B 85 0.04 6.55 7.43
C ASN B 85 -1.37 6.45 6.89
N TYR B 86 -2.05 7.60 6.80
CA TYR B 86 -3.44 7.65 6.36
C TYR B 86 -3.54 8.60 5.18
N TYR B 87 -4.16 8.13 4.09
CA TYR B 87 -4.27 8.88 2.86
C TYR B 87 -5.73 9.07 2.49
N CYS B 88 -6.07 10.27 2.01
CA CYS B 88 -7.36 10.48 1.37
C CYS B 88 -7.18 10.51 -0.14
N GLN B 89 -8.27 10.23 -0.85
CA GLN B 89 -8.25 10.12 -2.30
C GLN B 89 -9.60 10.57 -2.83
N GLN B 90 -9.60 11.39 -3.87
CA GLN B 90 -10.84 11.89 -4.44
C GLN B 90 -11.12 11.22 -5.78
N SER B 91 -12.41 11.02 -6.06
CA SER B 91 -12.86 10.46 -7.33
C SER B 91 -13.92 11.34 -8.00
N ASN B 92 -14.01 12.61 -7.60
CA ASN B 92 -15.04 13.48 -8.14
C ASN B 92 -14.69 13.94 -9.56
N ARG B 93 -13.42 14.19 -9.83
CA ARG B 93 -12.97 14.69 -11.13
C ARG B 93 -11.76 13.89 -11.60
N TRP B 94 -11.64 13.75 -12.91
CA TRP B 94 -10.46 13.12 -13.46
C TRP B 94 -9.30 14.11 -13.52
N PRO B 95 -8.08 13.71 -13.13
CA PRO B 95 -7.77 12.36 -12.63
C PRO B 95 -7.98 12.22 -11.13
N PHE B 96 -8.11 10.98 -10.67
CA PHE B 96 -8.09 10.71 -9.24
C PHE B 96 -6.78 11.20 -8.66
N THR B 97 -6.84 11.76 -7.44
CA THR B 97 -5.65 12.27 -6.78
C THR B 97 -5.63 11.80 -5.33
N PHE B 98 -4.44 11.84 -4.74
CA PHE B 98 -4.21 11.43 -3.36
C PHE B 98 -3.78 12.62 -2.51
N GLY B 99 -4.16 12.59 -1.24
CA GLY B 99 -3.55 13.47 -0.28
C GLY B 99 -2.13 13.05 0.05
N SER B 100 -1.39 13.98 0.66
CA SER B 100 0.01 13.71 0.96
C SER B 100 0.21 12.81 2.18
N GLY B 101 -0.85 12.53 2.94
CA GLY B 101 -0.76 11.56 4.01
C GLY B 101 -0.49 12.15 5.37
N THR B 102 -1.08 11.55 6.41
CA THR B 102 -0.86 11.94 7.78
C THR B 102 -0.44 10.71 8.59
N LYS B 103 0.67 10.84 9.31
CA LYS B 103 1.17 9.73 10.13
C LYS B 103 0.55 9.81 11.52
N LEU B 104 0.13 8.65 12.05
CA LEU B 104 -0.42 8.59 13.41
C LEU B 104 0.65 8.11 14.37
N GLU B 105 0.92 8.91 15.40
CA GLU B 105 1.85 8.56 16.47
C GLU B 105 1.10 8.41 17.78
N ILE B 106 1.53 7.47 18.61
CA ILE B 106 0.91 7.21 19.90
C ILE B 106 1.92 7.51 20.99
N LYS B 107 1.52 8.32 21.97
CA LYS B 107 2.38 8.67 23.10
C LYS B 107 2.08 7.71 24.24
N ARG B 108 2.92 6.70 24.41
CA ARG B 108 2.76 5.70 25.44
C ARG B 108 3.67 6.02 26.63
N ALA B 109 3.61 5.18 27.66
CA ALA B 109 4.47 5.35 28.82
C ALA B 109 5.92 5.06 28.46
N ASP B 110 6.82 5.68 29.21
CA ASP B 110 8.25 5.44 28.99
C ASP B 110 8.59 3.97 29.24
N ALA B 111 9.55 3.47 28.48
CA ALA B 111 9.97 2.08 28.60
C ALA B 111 11.47 2.00 28.34
N ALA B 112 12.19 1.39 29.28
CA ALA B 112 13.61 1.18 29.10
C ALA B 112 13.86 0.14 28.02
N PRO B 113 14.93 0.28 27.24
CA PRO B 113 15.20 -0.70 26.19
C PRO B 113 15.68 -2.03 26.75
N THR B 114 15.28 -3.10 26.08
CA THR B 114 15.81 -4.43 26.35
C THR B 114 17.01 -4.63 25.44
N VAL B 115 18.20 -4.79 26.02
CA VAL B 115 19.44 -4.84 25.26
C VAL B 115 19.92 -6.28 25.19
N SER B 116 20.32 -6.70 23.99
CA SER B 116 20.89 -8.02 23.76
C SER B 116 22.10 -7.86 22.86
N ILE B 117 23.21 -8.51 23.21
CA ILE B 117 24.41 -8.52 22.37
C ILE B 117 24.61 -9.93 21.84
N PHE B 118 25.06 -10.02 20.59
CA PHE B 118 25.16 -11.28 19.87
C PHE B 118 26.55 -11.37 19.26
N PRO B 119 27.36 -12.34 19.67
CA PRO B 119 28.65 -12.57 19.02
C PRO B 119 28.46 -13.07 17.61
N PRO B 120 29.50 -13.01 16.78
CA PRO B 120 29.38 -13.50 15.41
C PRO B 120 29.09 -14.99 15.36
N SER B 121 28.46 -15.41 14.27
CA SER B 121 28.17 -16.82 14.04
C SER B 121 29.41 -17.52 13.53
N SER B 122 29.50 -18.83 13.82
CA SER B 122 30.62 -19.62 13.30
C SER B 122 30.60 -19.69 11.79
N GLU B 123 29.41 -19.59 11.17
CA GLU B 123 29.33 -19.58 9.72
C GLU B 123 29.94 -18.31 9.14
N GLN B 124 29.63 -17.16 9.74
CA GLN B 124 30.22 -15.91 9.27
C GLN B 124 31.72 -15.90 9.47
N LEU B 125 32.20 -16.43 10.60
CA LEU B 125 33.63 -16.55 10.81
C LEU B 125 34.27 -17.50 9.81
N THR B 126 33.53 -18.53 9.40
CA THR B 126 34.00 -19.38 8.30
C THR B 126 34.15 -18.57 7.01
N SER B 127 33.18 -17.68 6.74
CA SER B 127 33.26 -16.85 5.53
C SER B 127 34.39 -15.83 5.60
N GLY B 128 34.86 -15.48 6.81
CA GLY B 128 35.98 -14.58 6.96
C GLY B 128 35.67 -13.22 7.54
N GLY B 129 34.43 -12.95 7.94
CA GLY B 129 34.08 -11.70 8.58
C GLY B 129 33.41 -11.95 9.92
N ALA B 130 33.25 -10.88 10.69
CA ALA B 130 32.66 -10.99 12.02
C ALA B 130 31.77 -9.79 12.28
N SER B 131 30.48 -10.04 12.50
CA SER B 131 29.53 -9.00 12.85
C SER B 131 29.03 -9.24 14.27
N VAL B 132 29.20 -8.23 15.12
CA VAL B 132 28.64 -8.24 16.47
C VAL B 132 27.37 -7.40 16.43
N VAL B 133 26.26 -7.98 16.88
CA VAL B 133 24.94 -7.37 16.69
C VAL B 133 24.35 -7.02 18.05
N CYS B 134 23.87 -5.80 18.20
CA CYS B 134 23.24 -5.36 19.44
C CYS B 134 21.83 -4.88 19.16
N PHE B 135 20.86 -5.45 19.87
CA PHE B 135 19.46 -5.05 19.80
C PHE B 135 19.12 -4.21 21.03
N LEU B 136 18.51 -3.05 20.79
CA LEU B 136 17.92 -2.19 21.82
C LEU B 136 16.43 -2.17 21.50
N ASN B 137 15.64 -2.97 22.21
CA ASN B 137 14.31 -3.33 21.77
C ASN B 137 13.23 -2.75 22.68
N ASN B 138 12.15 -2.30 22.04
CA ASN B 138 10.89 -1.97 22.71
C ASN B 138 11.06 -0.89 23.78
N PHE B 139 11.64 0.24 23.38
CA PHE B 139 11.82 1.37 24.27
C PHE B 139 10.96 2.55 23.82
N TYR B 140 10.79 3.50 24.74
CA TYR B 140 10.07 4.73 24.45
C TYR B 140 10.54 5.81 25.42
N PRO B 141 10.81 7.04 24.96
CA PRO B 141 10.65 7.53 23.57
C PRO B 141 11.74 7.06 22.61
N LYS B 142 11.67 7.53 21.36
CA LYS B 142 12.55 7.03 20.31
C LYS B 142 14.00 7.47 20.48
N ASP B 143 14.24 8.55 21.21
CA ASP B 143 15.60 9.06 21.36
C ASP B 143 16.43 8.09 22.21
N ILE B 144 17.59 7.70 21.68
CA ILE B 144 18.45 6.74 22.34
C ILE B 144 19.83 6.85 21.70
N ASN B 145 20.87 6.52 22.47
CA ASN B 145 22.22 6.50 21.93
C ASN B 145 22.88 5.16 22.22
N VAL B 146 23.70 4.68 21.29
CA VAL B 146 24.45 3.45 21.46
C VAL B 146 25.93 3.76 21.37
N LYS B 147 26.72 3.10 22.20
CA LYS B 147 28.16 3.24 22.22
C LYS B 147 28.79 1.86 22.24
N TRP B 148 29.80 1.67 21.40
CA TRP B 148 30.53 0.41 21.34
C TRP B 148 31.87 0.56 22.03
N LYS B 149 32.27 -0.48 22.76
CA LYS B 149 33.59 -0.54 23.38
C LYS B 149 34.25 -1.88 23.07
N ILE B 150 35.51 -1.83 22.70
CA ILE B 150 36.34 -3.01 22.48
C ILE B 150 37.48 -2.94 23.48
N ASP B 151 37.59 -3.98 24.32
CA ASP B 151 38.60 -4.04 25.38
C ASP B 151 38.58 -2.77 26.23
N GLY B 152 37.37 -2.25 26.46
CA GLY B 152 37.18 -1.08 27.30
C GLY B 152 37.41 0.26 26.61
N SER B 153 37.77 0.26 25.32
CA SER B 153 38.05 1.49 24.59
C SER B 153 36.94 1.74 23.57
N GLU B 154 36.45 2.98 23.51
CA GLU B 154 35.35 3.31 22.61
C GLU B 154 35.74 3.05 21.16
N ARG B 155 34.78 2.54 20.39
CA ARG B 155 34.98 2.15 19.00
C ARG B 155 33.92 2.80 18.14
N GLN B 156 34.35 3.46 17.07
CA GLN B 156 33.46 4.18 16.17
C GLN B 156 33.39 3.57 14.78
N ASN B 157 34.52 3.14 14.21
CA ASN B 157 34.54 2.64 12.85
C ASN B 157 33.84 1.30 12.75
N GLY B 158 33.19 1.07 11.60
CA GLY B 158 32.53 -0.18 11.33
C GLY B 158 31.18 -0.37 11.97
N VAL B 159 30.60 0.68 12.54
CA VAL B 159 29.31 0.61 13.22
C VAL B 159 28.24 1.14 12.29
N LEU B 160 27.17 0.36 12.10
CA LEU B 160 26.01 0.78 11.33
C LEU B 160 24.76 0.60 12.18
N ASN B 161 23.94 1.65 12.25
CA ASN B 161 22.75 1.64 13.08
C ASN B 161 21.50 1.66 12.21
N SER B 162 20.42 1.13 12.76
CA SER B 162 19.14 1.09 12.05
C SER B 162 18.00 1.21 13.07
N TRP B 163 17.04 2.08 12.77
CA TRP B 163 15.92 2.32 13.67
C TRP B 163 14.62 1.91 13.00
N THR B 164 13.76 1.24 13.75
CA THR B 164 12.41 0.96 13.29
C THR B 164 11.54 2.20 13.48
N ASP B 165 10.45 2.25 12.72
CA ASP B 165 9.38 3.18 13.03
C ASP B 165 8.60 2.67 14.23
N GLN B 166 7.64 3.46 14.69
CA GLN B 166 6.88 3.09 15.89
C GLN B 166 6.16 1.76 15.65
N ASP B 167 6.20 0.91 16.68
CA ASP B 167 5.69 -0.45 16.59
C ASP B 167 4.17 -0.44 16.68
N SER B 168 3.52 -1.01 15.66
CA SER B 168 2.06 -1.14 15.70
C SER B 168 1.59 -2.22 16.68
N LYS B 169 2.51 -2.87 17.39
CA LYS B 169 2.14 -3.86 18.39
C LYS B 169 2.07 -3.27 19.80
N ASP B 170 3.02 -2.38 20.15
CA ASP B 170 3.06 -1.83 21.50
C ASP B 170 3.44 -0.36 21.56
N SER B 171 3.45 0.35 20.42
CA SER B 171 3.77 1.77 20.34
C SER B 171 5.19 2.09 20.80
N THR B 172 6.09 1.11 20.78
CA THR B 172 7.47 1.33 21.16
C THR B 172 8.34 1.50 19.91
N TYR B 173 9.63 1.71 20.14
CA TYR B 173 10.64 1.78 19.09
C TYR B 173 11.73 0.76 19.37
N SER B 174 12.48 0.42 18.33
CA SER B 174 13.59 -0.51 18.45
C SER B 174 14.73 -0.04 17.55
N MET B 175 15.94 -0.50 17.87
CA MET B 175 17.12 -0.10 17.14
C MET B 175 18.13 -1.24 17.15
N SER B 176 18.85 -1.38 16.05
CA SER B 176 19.95 -2.34 15.95
C SER B 176 21.23 -1.59 15.68
N SER B 177 22.31 -2.06 16.30
CA SER B 177 23.65 -1.51 16.10
C SER B 177 24.57 -2.68 15.75
N THR B 178 25.15 -2.65 14.56
CA THR B 178 25.95 -3.75 14.06
C THR B 178 27.39 -3.27 13.86
N LEU B 179 28.32 -3.89 14.58
CA LEU B 179 29.75 -3.58 14.48
C LEU B 179 30.40 -4.68 13.65
N THR B 180 30.88 -4.33 12.47
CA THR B 180 31.42 -5.31 11.52
C THR B 180 32.92 -5.12 11.39
N LEU B 181 33.68 -6.18 11.68
CA LEU B 181 35.11 -6.22 11.48
C LEU B 181 35.44 -7.40 10.57
N THR B 182 36.65 -7.40 10.01
CA THR B 182 37.14 -8.63 9.44
C THR B 182 37.47 -9.60 10.57
N LYS B 183 37.50 -10.89 10.22
CA LYS B 183 37.75 -11.91 11.24
C LYS B 183 39.09 -11.70 11.93
N ASP B 184 40.09 -11.18 11.21
CA ASP B 184 41.42 -10.99 11.78
C ASP B 184 41.39 -10.00 12.95
N GLU B 185 40.80 -8.81 12.74
CA GLU B 185 40.70 -7.86 13.84
C GLU B 185 39.79 -8.36 14.95
N TYR B 186 38.75 -9.14 14.62
CA TYR B 186 37.89 -9.67 15.66
C TYR B 186 38.65 -10.64 16.57
N GLU B 187 39.58 -11.40 15.98
CA GLU B 187 40.37 -12.33 16.78
C GLU B 187 41.42 -11.63 17.64
N ARG B 188 41.80 -10.40 17.29
CA ARG B 188 42.83 -9.68 18.03
C ARG B 188 42.30 -8.94 19.25
N HIS B 189 41.02 -9.14 19.60
CA HIS B 189 40.42 -8.47 20.74
C HIS B 189 39.62 -9.49 21.55
N ASN B 190 39.31 -9.11 22.79
CA ASN B 190 38.67 -10.01 23.74
C ASN B 190 37.24 -9.61 24.06
N SER B 191 37.02 -8.47 24.69
CA SER B 191 35.70 -8.08 25.17
C SER B 191 35.05 -7.10 24.22
N TYR B 192 33.78 -7.34 23.90
CA TYR B 192 32.97 -6.47 23.06
C TYR B 192 31.75 -6.05 23.85
N THR B 193 31.49 -4.73 23.86
CA THR B 193 30.52 -4.13 24.77
C THR B 193 29.61 -3.18 24.01
N CYS B 194 28.31 -3.33 24.22
CA CYS B 194 27.29 -2.44 23.68
C CYS B 194 26.61 -1.73 24.85
N GLU B 195 26.54 -0.40 24.77
CA GLU B 195 26.01 0.41 25.85
C GLU B 195 24.91 1.30 25.32
N ALA B 196 23.75 1.26 25.97
CA ALA B 196 22.58 2.03 25.57
C ALA B 196 22.31 3.12 26.59
N THR B 197 22.19 4.36 26.11
CA THR B 197 21.84 5.50 26.93
C THR B 197 20.44 5.95 26.53
N HIS B 198 19.53 5.98 27.51
CA HIS B 198 18.13 6.26 27.28
C HIS B 198 17.57 7.07 28.44
N LYS B 199 16.51 7.82 28.15
CA LYS B 199 15.87 8.71 29.13
C LYS B 199 15.45 7.98 30.40
N THR B 200 15.17 6.69 30.31
CA THR B 200 14.60 5.94 31.43
C THR B 200 15.60 5.66 32.55
N SER B 201 16.88 5.97 32.37
CA SER B 201 17.88 5.68 33.40
C SER B 201 19.05 6.63 33.26
N THR B 202 19.59 7.06 34.41
CA THR B 202 20.80 7.88 34.39
C THR B 202 22.03 7.06 34.03
N SER B 203 22.06 5.79 34.43
CA SER B 203 23.13 4.87 34.09
C SER B 203 22.82 4.15 32.77
N PRO B 204 23.82 3.86 31.96
CA PRO B 204 23.57 3.14 30.71
C PRO B 204 23.33 1.66 30.95
N ILE B 205 22.53 1.07 30.06
CA ILE B 205 22.34 -0.38 30.06
C ILE B 205 23.47 -1.00 29.24
N VAL B 206 24.23 -1.91 29.87
CA VAL B 206 25.46 -2.41 29.30
C VAL B 206 25.34 -3.92 29.09
N LYS B 207 25.75 -4.38 27.91
CA LYS B 207 25.81 -5.81 27.61
C LYS B 207 27.13 -6.10 26.93
N SER B 208 27.89 -7.05 27.47
CA SER B 208 29.20 -7.37 26.92
C SER B 208 29.36 -8.87 26.80
N PHE B 209 30.37 -9.26 26.02
CA PHE B 209 30.78 -10.66 25.96
C PHE B 209 32.26 -10.72 25.65
N ASN B 210 32.92 -11.74 26.19
CA ASN B 210 34.33 -12.00 25.92
C ASN B 210 34.43 -13.08 24.85
N ARG B 211 35.23 -12.81 23.81
CA ARG B 211 35.47 -13.81 22.78
C ARG B 211 36.13 -15.06 23.33
N ASN B 212 36.76 -14.97 24.51
CA ASN B 212 37.35 -16.12 25.16
C ASN B 212 36.30 -17.16 25.57
N SER C 1 -50.34 -8.68 -31.69
CA SER C 1 -50.76 -7.53 -30.89
C SER C 1 -50.73 -6.26 -31.72
N ALA C 2 -51.42 -5.23 -31.24
CA ALA C 2 -51.44 -3.95 -31.94
C ALA C 2 -50.03 -3.40 -32.08
N LEU C 3 -49.74 -2.78 -33.23
CA LEU C 3 -48.38 -2.38 -33.53
C LEU C 3 -47.88 -1.29 -32.58
N HIS C 4 -48.77 -0.38 -32.17
CA HIS C 4 -48.30 0.74 -31.35
C HIS C 4 -47.85 0.26 -29.97
N TRP C 5 -48.55 -0.71 -29.39
CA TRP C 5 -48.14 -1.20 -28.07
C TRP C 5 -46.86 -2.02 -28.16
N ARG C 6 -46.73 -2.87 -29.18
CA ARG C 6 -45.50 -3.62 -29.37
C ARG C 6 -44.32 -2.68 -29.59
N ALA C 7 -44.51 -1.63 -30.39
CA ALA C 7 -43.46 -0.65 -30.61
C ALA C 7 -43.14 0.11 -29.32
N ALA C 8 -44.14 0.39 -28.50
CA ALA C 8 -43.87 1.05 -27.22
C ALA C 8 -43.01 0.18 -26.32
N GLY C 9 -43.35 -1.10 -26.21
CA GLY C 9 -42.54 -2.00 -25.41
C GLY C 9 -41.12 -2.16 -25.94
N ALA C 10 -41.01 -2.30 -27.27
CA ALA C 10 -39.69 -2.41 -27.89
C ALA C 10 -38.87 -1.16 -27.64
N ALA C 11 -39.49 0.02 -27.74
CA ALA C 11 -38.79 1.26 -27.47
C ALA C 11 -38.37 1.34 -26.01
N THR C 12 -39.18 0.82 -25.09
CA THR C 12 -38.81 0.82 -23.68
C THR C 12 -37.56 -0.02 -23.44
N VAL C 13 -37.54 -1.25 -23.98
CA VAL C 13 -36.38 -2.10 -23.76
C VAL C 13 -35.15 -1.54 -24.48
N LEU C 14 -35.35 -0.94 -25.66
CA LEU C 14 -34.25 -0.33 -26.38
C LEU C 14 -33.70 0.87 -25.62
N LEU C 15 -34.57 1.63 -24.97
CA LEU C 15 -34.12 2.77 -24.18
C LEU C 15 -33.33 2.32 -22.97
N VAL C 16 -33.77 1.23 -22.32
CA VAL C 16 -32.97 0.68 -21.22
C VAL C 16 -31.59 0.28 -21.71
N ILE C 17 -31.52 -0.40 -22.86
CA ILE C 17 -30.25 -0.79 -23.43
C ILE C 17 -29.38 0.43 -23.71
N VAL C 18 -29.99 1.47 -24.28
CA VAL C 18 -29.24 2.69 -24.61
C VAL C 18 -28.75 3.37 -23.34
N LEU C 19 -29.53 3.35 -22.27
CA LEU C 19 -29.09 3.94 -21.01
C LEU C 19 -27.86 3.23 -20.47
N LEU C 20 -27.90 1.90 -20.45
CA LEU C 20 -26.75 1.15 -19.92
C LEU C 20 -25.52 1.35 -20.80
N ALA C 21 -25.68 1.20 -22.12
CA ALA C 21 -24.54 1.36 -23.02
C ALA C 21 -24.01 2.79 -22.99
N GLY C 22 -24.90 3.77 -22.83
CA GLY C 22 -24.47 5.16 -22.76
C GLY C 22 -23.71 5.46 -21.49
N SER C 23 -24.12 4.87 -20.37
CA SER C 23 -23.35 5.03 -19.15
C SER C 23 -21.94 4.46 -19.31
N TYR C 24 -21.86 3.23 -19.83
CA TYR C 24 -20.55 2.61 -20.05
C TYR C 24 -19.68 3.45 -20.96
N LEU C 25 -20.22 3.85 -22.13
CA LEU C 25 -19.45 4.57 -23.12
C LEU C 25 -19.13 5.99 -22.68
N ALA C 26 -20.00 6.60 -21.88
CA ALA C 26 -19.71 7.94 -21.36
C ALA C 26 -18.55 7.90 -20.38
N VAL C 27 -18.53 6.91 -19.49
CA VAL C 27 -17.35 6.78 -18.62
C VAL C 27 -16.11 6.52 -19.45
N LEU C 28 -16.23 5.64 -20.46
CA LEU C 28 -15.07 5.34 -21.31
C LEU C 28 -14.55 6.59 -22.03
N ALA C 29 -15.46 7.46 -22.49
CA ALA C 29 -15.05 8.63 -23.26
C ALA C 29 -14.57 9.77 -22.38
N GLU C 30 -15.06 9.88 -21.14
CA GLU C 30 -14.77 11.04 -20.32
C GLU C 30 -13.51 10.86 -19.47
N ARG C 31 -13.18 9.64 -19.06
CA ARG C 31 -11.93 9.43 -18.34
C ARG C 31 -10.75 9.77 -19.24
N GLY C 32 -9.78 10.47 -18.68
CA GLY C 32 -8.67 11.00 -19.45
C GLY C 32 -8.81 12.47 -19.79
N ALA C 33 -9.98 13.07 -19.54
CA ALA C 33 -10.17 14.49 -19.76
C ALA C 33 -10.09 15.20 -18.42
N PRO C 34 -9.06 16.02 -18.18
CA PRO C 34 -8.93 16.68 -16.88
C PRO C 34 -10.14 17.54 -16.57
N GLY C 35 -10.68 17.37 -15.37
CA GLY C 35 -11.87 18.09 -14.95
C GLY C 35 -13.18 17.38 -15.23
N ALA C 36 -13.16 16.26 -15.96
CA ALA C 36 -14.39 15.55 -16.28
C ALA C 36 -15.01 14.98 -15.02
N GLN C 37 -16.35 15.03 -14.95
CA GLN C 37 -17.11 14.54 -13.82
C GLN C 37 -17.87 13.27 -14.11
N LEU C 38 -18.09 12.95 -15.38
CA LEU C 38 -18.90 11.80 -15.80
C LEU C 38 -18.00 10.56 -15.95
N ILE C 39 -17.46 10.10 -14.82
CA ILE C 39 -16.35 9.17 -14.82
C ILE C 39 -16.57 7.95 -13.94
N THR C 40 -17.71 7.82 -13.27
CA THR C 40 -18.05 6.60 -12.55
C THR C 40 -19.42 6.12 -13.01
N TYR C 41 -19.56 4.80 -13.12
CA TYR C 41 -20.74 4.23 -13.78
C TYR C 41 -22.05 4.52 -13.07
N PRO C 42 -22.16 4.48 -11.73
CA PRO C 42 -23.44 4.82 -11.10
C PRO C 42 -23.96 6.19 -11.51
N ARG C 43 -23.19 7.25 -11.23
CA ARG C 43 -23.67 8.57 -11.59
C ARG C 43 -23.75 8.74 -13.10
N ALA C 44 -23.03 7.92 -13.87
CA ALA C 44 -23.20 7.93 -15.32
C ALA C 44 -24.57 7.41 -15.72
N LEU C 45 -25.08 6.40 -15.01
CA LEU C 45 -26.43 5.91 -15.28
C LEU C 45 -27.47 6.97 -14.89
N TRP C 46 -27.26 7.62 -13.74
CA TRP C 46 -28.12 8.73 -13.36
C TRP C 46 -28.13 9.82 -14.44
N TRP C 47 -26.94 10.17 -14.96
CA TRP C 47 -26.84 11.17 -16.00
C TRP C 47 -27.54 10.72 -17.28
N SER C 48 -27.42 9.44 -17.62
CA SER C 48 -28.07 8.94 -18.83
C SER C 48 -29.58 9.06 -18.72
N VAL C 49 -30.13 8.78 -17.53
CA VAL C 49 -31.56 8.96 -17.33
C VAL C 49 -31.94 10.44 -17.46
N GLU C 50 -31.18 11.32 -16.78
CA GLU C 50 -31.37 12.76 -16.93
C GLU C 50 -31.40 13.17 -18.39
N THR C 51 -30.50 12.60 -19.19
CA THR C 51 -30.35 13.02 -20.58
C THR C 51 -31.49 12.48 -21.44
N ALA C 52 -31.92 11.24 -21.18
CA ALA C 52 -33.00 10.64 -21.97
C ALA C 52 -34.33 11.31 -21.67
N THR C 53 -34.54 11.79 -20.44
CA THR C 53 -35.79 12.46 -20.10
C THR C 53 -35.79 13.94 -20.42
N THR C 54 -34.64 14.51 -20.79
CA THR C 54 -34.39 15.94 -20.92
C THR C 54 -34.51 16.68 -19.59
N VAL C 55 -34.51 15.97 -18.47
CA VAL C 55 -34.50 16.59 -17.13
C VAL C 55 -33.03 16.67 -16.73
N ALA C 56 -32.34 17.65 -17.30
CA ALA C 56 -30.89 17.79 -17.15
C ALA C 56 -30.61 18.79 -16.04
N TYR C 57 -30.44 18.30 -14.82
CA TYR C 57 -30.21 19.18 -13.68
C TYR C 57 -28.93 19.98 -13.79
N GLY C 58 -27.96 19.51 -14.57
CA GLY C 58 -26.68 20.18 -14.65
C GLY C 58 -25.65 19.73 -13.66
N ASP C 59 -25.91 18.66 -12.91
CA ASP C 59 -24.90 18.15 -11.99
C ASP C 59 -23.82 17.36 -12.72
N LEU C 60 -24.14 16.80 -13.89
CA LEU C 60 -23.20 16.00 -14.67
C LEU C 60 -23.46 16.24 -16.15
N TYR C 61 -22.37 16.30 -16.92
CA TYR C 61 -22.45 16.40 -18.38
C TYR C 61 -21.10 16.08 -19.00
N PRO C 62 -21.06 15.60 -20.24
CA PRO C 62 -19.77 15.28 -20.87
C PRO C 62 -19.05 16.53 -21.33
N VAL C 63 -17.72 16.44 -21.34
CA VAL C 63 -16.87 17.52 -21.81
C VAL C 63 -16.05 17.14 -23.04
N THR C 64 -16.01 15.87 -23.42
CA THR C 64 -15.26 15.43 -24.59
C THR C 64 -16.17 15.29 -25.79
N LEU C 65 -15.55 15.23 -26.97
CA LEU C 65 -16.30 15.04 -28.21
C LEU C 65 -17.08 13.74 -28.19
N TRP C 66 -16.44 12.64 -27.83
CA TRP C 66 -17.11 11.34 -27.89
C TRP C 66 -18.13 11.20 -26.77
N GLY C 67 -17.86 11.79 -25.60
CA GLY C 67 -18.88 11.83 -24.57
C GLY C 67 -20.12 12.58 -25.01
N ARG C 68 -19.92 13.67 -25.76
CA ARG C 68 -21.06 14.45 -26.24
C ARG C 68 -21.79 13.73 -27.38
N CYS C 69 -21.06 12.96 -28.20
CA CYS C 69 -21.73 12.14 -29.20
C CYS C 69 -22.60 11.06 -28.54
N VAL C 70 -22.05 10.39 -27.53
CA VAL C 70 -22.84 9.46 -26.74
C VAL C 70 -24.07 10.15 -26.17
N ALA C 71 -23.88 11.37 -25.65
CA ALA C 71 -25.00 12.14 -25.11
C ALA C 71 -26.07 12.40 -26.16
N VAL C 72 -25.66 12.75 -27.38
CA VAL C 72 -26.64 13.00 -28.44
C VAL C 72 -27.43 11.75 -28.74
N VAL C 73 -26.76 10.60 -28.80
CA VAL C 73 -27.46 9.34 -29.02
C VAL C 73 -28.50 9.10 -27.91
N VAL C 74 -28.10 9.33 -26.66
CA VAL C 74 -29.01 9.12 -25.53
C VAL C 74 -30.19 10.08 -25.62
N MET C 75 -29.93 11.35 -25.93
CA MET C 75 -30.98 12.36 -26.09
C MET C 75 -32.00 11.91 -27.11
N VAL C 76 -31.53 11.56 -28.32
CA VAL C 76 -32.45 11.21 -29.39
C VAL C 76 -33.22 9.95 -29.05
N ALA C 77 -32.55 8.95 -28.47
CA ALA C 77 -33.24 7.73 -28.09
C ALA C 77 -34.36 8.01 -27.09
N GLY C 78 -34.06 8.79 -26.06
CA GLY C 78 -35.08 9.08 -25.06
C GLY C 78 -36.24 9.88 -25.62
N ILE C 79 -35.94 10.93 -26.38
CA ILE C 79 -36.99 11.79 -26.93
C ILE C 79 -37.89 10.98 -27.86
N THR C 80 -37.28 10.18 -28.74
CA THR C 80 -38.09 9.40 -29.68
C THR C 80 -38.87 8.30 -28.98
N SER C 81 -38.33 7.70 -27.92
CA SER C 81 -39.07 6.67 -27.20
C SER C 81 -40.30 7.27 -26.52
N PHE C 82 -40.13 8.41 -25.84
CA PHE C 82 -41.28 9.02 -25.18
C PHE C 82 -42.30 9.55 -26.19
N GLY C 83 -41.82 10.08 -27.32
CA GLY C 83 -42.73 10.47 -28.38
C GLY C 83 -43.48 9.29 -28.97
N LEU C 84 -42.82 8.13 -29.04
CA LEU C 84 -43.51 6.94 -29.53
C LEU C 84 -44.57 6.48 -28.55
N VAL C 85 -44.30 6.59 -27.25
CA VAL C 85 -45.33 6.29 -26.27
C VAL C 85 -46.53 7.25 -26.44
N THR C 86 -46.25 8.53 -26.65
CA THR C 86 -47.32 9.49 -26.91
C THR C 86 -48.13 9.10 -28.15
N ALA C 87 -47.44 8.70 -29.22
CA ALA C 87 -48.11 8.31 -30.45
C ALA C 87 -49.00 7.09 -30.24
N ALA C 88 -48.51 6.11 -29.46
CA ALA C 88 -49.30 4.92 -29.17
C ALA C 88 -50.55 5.28 -28.37
N LEU C 89 -50.40 6.17 -27.38
CA LEU C 89 -51.56 6.64 -26.64
C LEU C 89 -52.57 7.32 -27.56
N ALA C 90 -52.09 8.15 -28.49
CA ALA C 90 -52.98 8.82 -29.43
C ALA C 90 -53.72 7.81 -30.30
N THR C 91 -53.03 6.77 -30.77
CA THR C 91 -53.68 5.76 -31.58
C THR C 91 -54.75 5.01 -30.81
N TRP C 92 -54.45 4.67 -29.55
CA TRP C 92 -55.45 4.02 -28.70
C TRP C 92 -56.67 4.90 -28.53
N PHE C 93 -56.46 6.19 -28.24
CA PHE C 93 -57.59 7.10 -28.06
C PHE C 93 -58.41 7.23 -29.34
N VAL C 94 -57.73 7.31 -30.49
CA VAL C 94 -58.42 7.49 -31.76
C VAL C 94 -59.29 6.27 -32.07
N GLY C 95 -58.75 5.07 -31.86
CA GLY C 95 -59.54 3.87 -32.06
C GLY C 95 -60.74 3.80 -31.12
N ARG C 96 -60.52 4.13 -29.84
CA ARG C 96 -61.62 4.09 -28.89
C ARG C 96 -62.72 5.09 -29.27
N GLU C 97 -62.34 6.27 -29.74
CA GLU C 97 -63.35 7.26 -30.11
C GLU C 97 -64.08 6.87 -31.39
N GLN C 98 -63.37 6.28 -32.35
CA GLN C 98 -64.04 5.73 -33.52
C GLN C 98 -65.09 4.71 -33.12
N GLU C 99 -64.74 3.80 -32.21
CA GLU C 99 -65.70 2.80 -31.76
C GLU C 99 -66.86 3.43 -31.01
N ARG C 100 -66.57 4.45 -30.19
CA ARG C 100 -67.63 5.12 -29.43
C ARG C 100 -68.59 5.86 -30.34
N ARG C 101 -68.11 6.32 -31.50
CA ARG C 101 -68.98 6.93 -32.50
C ARG C 101 -69.68 5.90 -33.37
N GLY C 102 -69.50 4.60 -33.09
CA GLY C 102 -70.14 3.56 -33.88
C GLY C 102 -69.66 3.52 -35.31
N HIS C 103 -68.42 3.91 -35.57
CA HIS C 103 -67.88 3.90 -36.92
C HIS C 103 -66.70 2.94 -37.02
C1 F09 D . -20.73 6.52 -30.45
C2 F09 D . -19.98 5.99 -29.22
C3 F09 D . -18.49 5.89 -29.53
C4 F09 D . -17.78 5.14 -28.41
C5 F09 D . -16.90 6.09 -27.60
C6 F09 D . -15.50 5.50 -27.44
C7 F09 D . -14.69 6.36 -26.48
C8 F09 D . -13.26 6.49 -26.99
C9 F09 D . -12.78 7.93 -26.79
OXT F09 D . -11.39 8.01 -26.95
O11 1EM E . -16.31 19.88 -28.21
C11 1EM E . -16.34 18.87 -28.83
C12 1EM E . -17.67 18.04 -28.89
C13 1EM E . -18.24 18.00 -30.33
C14 1EM E . -19.75 18.32 -30.29
C15 1EM E . -20.59 17.01 -30.33
C16 1EM E . -22.08 17.36 -30.57
C17 1EM E . -22.28 17.66 -32.09
C18 1EM E . -23.59 17.03 -32.60
C19 1EM E . -23.37 16.52 -34.05
O21 1EM E . -12.60 19.73 -33.28
C21 1EM E . -13.56 19.53 -32.59
C22 1EM E . -14.95 20.09 -33.05
C23 1EM E . -15.56 19.14 -34.11
C24 1EM E . -17.10 19.00 -33.92
C25 1EM E . -17.81 20.29 -34.34
C26 1EM E . -17.17 20.83 -35.65
C27 1EM E . -17.28 22.37 -35.62
C28 1EM E . -18.37 22.79 -36.65
C29 1EM E . -18.76 24.27 -36.43
C30 1EM E . -20.29 24.34 -36.28
C31 1EM E . -20.88 25.45 -37.20
C32 1EM E . -19.78 26.47 -37.58
C33 1EM E . -19.79 26.67 -39.12
C34 1EM E . -18.94 27.91 -39.49
C41 1EM E . -13.95 19.08 -29.03
O41 1EM E . -15.16 18.46 -29.52
C42 1EM E . -13.00 19.38 -30.20
O42 1EM E . -13.48 18.76 -31.39
C43 1EM E . -12.86 20.89 -30.37
O43 1EM E . -11.60 21.29 -29.91
K K F . -26.16 25.06 -13.04
K K G . -31.78 22.14 -17.39
K K H . -36.39 19.76 -20.96
K K I . -42.05 16.83 -25.34
#